data_6NMN
#
_entry.id   6NMN
#
_cell.length_a   58.050
_cell.length_b   58.050
_cell.length_c   363.450
_cell.angle_alpha   90.00
_cell.angle_beta   90.00
_cell.angle_gamma   90.00
#
_symmetry.space_group_name_H-M   'P 41 21 2'
#
loop_
_entity.id
_entity.type
_entity.pdbx_description
1 polymer 'Kanamycin nucleotidyltransferase'
2 non-polymer NEOMYCIN
3 non-polymer 'ADENOSINE MONOPHOSPHATE'
4 non-polymer 'MAGNESIUM ION'
5 water water
#
_entity_poly.entity_id   1
_entity_poly.type   'polypeptide(L)'
_entity_poly.pdbx_seq_one_letter_code
;GSHMNGPIIMTREERMKIVHEIKERILDKYGDDVKAIGVYGSLGRQTDGPYSDIEMMCVMSTEEAEFSHEWTTGEWKVEV
NFDSEEILLDYASQVESDWPLTHGQFFSILPIYDSGGYLEKVYQTAKSVEAQKFHDAICALIVEELFEYAGKWRNIRVQG
PTTFLPSLTVQVAMAGAMLIGLHHRICYTTSASVLTEAVKQSDLPSGYDHLCQFVMSGQLSDSEKLLESLENFWNGIQEW
TERHGYIVDVSKRIPF
;
_entity_poly.pdbx_strand_id   A,B
#
loop_
_chem_comp.id
_chem_comp.type
_chem_comp.name
_chem_comp.formula
AMP non-polymer 'ADENOSINE MONOPHOSPHATE' 'C10 H14 N5 O7 P'
MG non-polymer 'MAGNESIUM ION' 'Mg 2'
NMY non-polymer NEOMYCIN 'C23 H46 N6 O13'
#
# COMPACT_ATOMS: atom_id res chain seq x y z
N MET A 4 -21.02 9.04 14.32
CA MET A 4 -19.73 9.13 15.01
C MET A 4 -18.99 10.38 14.59
N ASN A 5 -18.35 11.03 15.57
CA ASN A 5 -17.66 12.30 15.35
C ASN A 5 -16.19 12.14 14.98
N GLY A 6 -15.73 10.92 14.70
CA GLY A 6 -14.32 10.71 14.44
C GLY A 6 -13.56 10.53 15.74
N PRO A 7 -12.24 10.39 15.65
CA PRO A 7 -11.45 10.18 16.87
C PRO A 7 -11.54 11.38 17.80
N ILE A 8 -11.63 11.10 19.09
CA ILE A 8 -11.68 12.13 20.12
C ILE A 8 -10.29 12.34 20.70
N ILE A 9 -10.12 13.45 21.43
CA ILE A 9 -8.90 13.65 22.20
C ILE A 9 -8.90 12.71 23.39
N MET A 10 -7.77 12.05 23.61
CA MET A 10 -7.58 11.26 24.82
C MET A 10 -6.15 11.47 25.31
N THR A 11 -5.98 11.31 26.61
CA THR A 11 -4.65 11.32 27.21
C THR A 11 -4.07 9.92 27.14
N ARG A 12 -2.75 9.83 27.30
CA ARG A 12 -2.11 8.52 27.36
C ARG A 12 -2.75 7.66 28.45
N GLU A 13 -3.08 8.26 29.58
CA GLU A 13 -3.68 7.53 30.68
C GLU A 13 -5.03 6.97 30.28
N GLU A 14 -5.86 7.78 29.61
CA GLU A 14 -7.16 7.28 29.15
C GLU A 14 -7.00 6.16 28.13
N ARG A 15 -5.99 6.28 27.25
N ARG A 15 -5.99 6.27 27.26
CA ARG A 15 -5.76 5.23 26.28
CA ARG A 15 -5.78 5.21 26.28
C ARG A 15 -5.27 3.94 26.95
C ARG A 15 -5.26 3.93 26.92
N MET A 16 -4.38 4.05 27.93
CA MET A 16 -3.90 2.87 28.62
C MET A 16 -4.99 2.19 29.43
N LYS A 17 -5.97 2.95 29.93
CA LYS A 17 -7.11 2.31 30.57
C LYS A 17 -7.86 1.43 29.58
N ILE A 18 -8.08 1.93 28.37
CA ILE A 18 -8.74 1.15 27.32
C ILE A 18 -7.89 -0.07 26.97
N VAL A 19 -6.58 0.13 26.84
CA VAL A 19 -5.66 -0.96 26.52
C VAL A 19 -5.76 -2.08 27.54
N HIS A 20 -5.80 -1.74 28.82
CA HIS A 20 -5.79 -2.80 29.83
C HIS A 20 -7.14 -3.50 29.93
N GLU A 21 -8.24 -2.79 29.61
N GLU A 21 -8.24 -2.81 29.58
CA GLU A 21 -9.53 -3.45 29.47
CA GLU A 21 -9.51 -3.53 29.50
C GLU A 21 -9.47 -4.52 28.38
C GLU A 21 -9.48 -4.55 28.37
N ILE A 22 -8.89 -4.17 27.23
CA ILE A 22 -8.77 -5.12 26.13
C ILE A 22 -7.88 -6.29 26.53
N LYS A 23 -6.76 -6.00 27.21
CA LYS A 23 -5.88 -7.06 27.72
C LYS A 23 -6.64 -8.07 28.57
N GLU A 24 -7.43 -7.58 29.52
CA GLU A 24 -8.15 -8.53 30.38
C GLU A 24 -9.21 -9.29 29.60
N ARG A 25 -9.86 -8.64 28.64
CA ARG A 25 -10.84 -9.34 27.83
C ARG A 25 -10.18 -10.41 26.96
N ILE A 26 -8.98 -10.13 26.45
CA ILE A 26 -8.24 -11.15 25.70
C ILE A 26 -7.96 -12.35 26.59
N LEU A 27 -7.52 -12.08 27.83
CA LEU A 27 -7.23 -13.17 28.76
C LEU A 27 -8.52 -13.90 29.14
N ASP A 28 -9.63 -13.16 29.28
CA ASP A 28 -10.91 -13.80 29.60
C ASP A 28 -11.34 -14.74 28.48
N LYS A 29 -11.26 -14.28 27.23
CA LYS A 29 -11.77 -15.08 26.13
C LYS A 29 -10.83 -16.22 25.75
N TYR A 30 -9.54 -15.93 25.59
CA TYR A 30 -8.64 -16.91 25.01
C TYR A 30 -7.81 -17.66 26.05
N GLY A 31 -7.75 -17.19 27.30
CA GLY A 31 -7.22 -18.03 28.36
C GLY A 31 -5.78 -18.43 28.16
N ASP A 32 -5.50 -19.73 28.37
CA ASP A 32 -4.15 -20.25 28.32
C ASP A 32 -3.55 -20.24 26.92
N ASP A 33 -4.37 -19.97 25.90
CA ASP A 33 -3.86 -19.86 24.54
C ASP A 33 -3.10 -18.56 24.30
N VAL A 34 -3.14 -17.63 25.25
CA VAL A 34 -2.42 -16.36 25.13
C VAL A 34 -1.02 -16.51 25.69
N LYS A 35 -0.01 -16.27 24.85
CA LYS A 35 1.37 -16.26 25.34
C LYS A 35 1.80 -14.87 25.78
N ALA A 36 1.37 -13.82 25.08
CA ALA A 36 1.81 -12.47 25.39
C ALA A 36 0.84 -11.46 24.78
N ILE A 37 0.76 -10.29 25.41
CA ILE A 37 0.00 -9.16 24.90
C ILE A 37 0.86 -7.92 25.00
N GLY A 38 0.96 -7.16 23.91
CA GLY A 38 1.71 -5.93 23.92
C GLY A 38 0.92 -4.82 23.25
N VAL A 39 1.28 -3.58 23.59
CA VAL A 39 0.66 -2.41 23.00
C VAL A 39 1.73 -1.65 22.22
N TYR A 40 1.39 -1.29 20.98
CA TYR A 40 2.30 -0.56 20.11
C TYR A 40 2.51 0.87 20.62
N GLY A 41 3.67 1.43 20.24
CA GLY A 41 3.97 2.82 20.51
C GLY A 41 4.15 3.19 21.96
N SER A 42 4.30 2.24 22.88
CA SER A 42 4.30 2.56 24.30
C SER A 42 5.60 2.22 25.03
N LEU A 43 6.54 1.52 24.40
CA LEU A 43 7.84 1.26 25.01
C LEU A 43 8.84 2.30 24.56
N GLY A 44 9.51 2.93 25.51
CA GLY A 44 10.59 3.85 25.21
C GLY A 44 10.16 5.10 24.48
N ARG A 45 8.87 5.25 24.22
CA ARG A 45 8.48 6.38 23.40
C ARG A 45 7.06 6.84 23.66
N GLN A 46 6.87 8.11 23.29
CA GLN A 46 5.59 8.78 23.12
C GLN A 46 5.81 9.64 21.88
N THR A 47 5.40 9.14 20.72
CA THR A 47 5.31 9.95 19.53
C THR A 47 3.86 9.93 19.06
N ASP A 48 2.96 9.85 20.03
CA ASP A 48 1.53 9.60 19.87
C ASP A 48 0.77 10.79 19.33
N GLY A 49 -0.08 11.35 20.17
CA GLY A 49 -0.90 12.49 19.85
C GLY A 49 -2.25 12.38 20.52
N PRO A 50 -2.92 13.52 20.70
CA PRO A 50 -4.23 13.49 21.35
C PRO A 50 -5.26 12.62 20.64
N TYR A 51 -5.16 12.49 19.32
CA TYR A 51 -6.15 11.78 18.52
C TYR A 51 -5.69 10.38 18.10
N SER A 52 -4.62 9.88 18.69
CA SER A 52 -4.04 8.62 18.24
C SER A 52 -4.99 7.45 18.53
N ASP A 53 -5.00 6.48 17.64
CA ASP A 53 -5.71 5.22 17.80
C ASP A 53 -4.86 4.24 18.60
N ILE A 54 -5.39 3.05 18.85
CA ILE A 54 -4.74 2.04 19.67
C ILE A 54 -4.44 0.82 18.82
N GLU A 55 -3.22 0.30 18.94
N GLU A 55 -3.22 0.33 18.88
CA GLU A 55 -2.79 -0.90 18.23
CA GLU A 55 -2.84 -0.91 18.23
C GLU A 55 -2.12 -1.84 19.21
C GLU A 55 -2.19 -1.83 19.24
N MET A 56 -2.55 -3.10 19.21
CA MET A 56 -2.05 -4.10 20.13
C MET A 56 -1.71 -5.37 19.37
N MET A 57 -0.86 -6.18 19.97
CA MET A 57 -0.46 -7.45 19.38
C MET A 57 -0.58 -8.54 20.42
N CYS A 58 -1.02 -9.72 19.98
N CYS A 58 -1.03 -9.70 19.98
CA CYS A 58 -1.22 -10.88 20.87
CA CYS A 58 -1.15 -10.87 20.83
C CYS A 58 -0.51 -12.09 20.28
C CYS A 58 -0.40 -12.02 20.22
N VAL A 59 0.41 -12.67 21.04
CA VAL A 59 1.10 -13.90 20.65
C VAL A 59 0.27 -15.06 21.19
N MET A 60 -0.16 -15.93 20.29
CA MET A 60 -1.03 -17.06 20.62
C MET A 60 -0.23 -18.35 20.57
N SER A 61 -0.64 -19.33 21.38
CA SER A 61 0.02 -20.63 21.34
C SER A 61 -0.49 -21.52 20.22
N THR A 62 -1.68 -21.24 19.68
CA THR A 62 -2.26 -22.08 18.64
C THR A 62 -1.45 -21.98 17.36
N GLU A 63 -1.00 -23.14 16.86
CA GLU A 63 -0.31 -23.18 15.58
C GLU A 63 -1.23 -22.65 14.48
N GLU A 64 -0.65 -21.83 13.59
CA GLU A 64 -1.28 -21.25 12.42
C GLU A 64 -2.22 -20.10 12.78
N ALA A 65 -2.32 -19.71 14.05
CA ALA A 65 -3.19 -18.60 14.42
C ALA A 65 -2.74 -17.33 13.73
N GLU A 66 -3.67 -16.70 13.00
CA GLU A 66 -3.37 -15.44 12.31
C GLU A 66 -4.70 -14.74 12.03
N PHE A 67 -5.15 -13.92 12.97
CA PHE A 67 -6.40 -13.21 12.78
C PHE A 67 -6.29 -11.84 13.44
N SER A 68 -7.30 -11.01 13.21
CA SER A 68 -7.26 -9.66 13.76
C SER A 68 -8.67 -9.19 14.05
N HIS A 69 -8.77 -8.23 14.97
CA HIS A 69 -10.01 -7.50 15.21
C HIS A 69 -9.70 -6.02 15.12
N GLU A 70 -10.41 -5.32 14.25
CA GLU A 70 -10.21 -3.89 14.05
C GLU A 70 -11.59 -3.23 14.04
N TRP A 71 -11.80 -2.27 14.94
CA TRP A 71 -13.14 -1.76 15.19
C TRP A 71 -13.07 -0.34 15.72
N THR A 72 -14.24 0.31 15.78
CA THR A 72 -14.35 1.61 16.41
C THR A 72 -15.55 1.63 17.34
N THR A 73 -15.43 2.42 18.40
CA THR A 73 -16.55 2.73 19.28
C THR A 73 -17.28 3.98 18.83
N GLY A 74 -16.91 4.54 17.68
CA GLY A 74 -17.35 5.85 17.28
C GLY A 74 -16.46 6.96 17.81
N GLU A 75 -15.84 6.76 18.97
CA GLU A 75 -14.96 7.76 19.55
C GLU A 75 -13.48 7.45 19.36
N TRP A 76 -13.09 6.17 19.38
CA TRP A 76 -11.71 5.78 19.09
C TRP A 76 -11.71 4.50 18.29
N LYS A 77 -10.53 4.14 17.80
CA LYS A 77 -10.35 2.98 16.95
C LYS A 77 -9.28 2.10 17.54
N VAL A 78 -9.46 0.77 17.42
CA VAL A 78 -8.52 -0.22 17.94
C VAL A 78 -8.23 -1.24 16.86
N GLU A 79 -6.99 -1.71 16.83
CA GLU A 79 -6.60 -2.85 15.99
C GLU A 79 -5.82 -3.81 16.88
N VAL A 80 -6.26 -5.06 16.93
CA VAL A 80 -5.55 -6.10 17.66
C VAL A 80 -5.24 -7.23 16.70
N ASN A 81 -3.96 -7.56 16.58
CA ASN A 81 -3.53 -8.67 15.73
C ASN A 81 -3.13 -9.84 16.61
N PHE A 82 -3.60 -11.03 16.25
CA PHE A 82 -3.36 -12.25 17.00
C PHE A 82 -2.56 -13.18 16.10
N ASP A 83 -1.36 -13.54 16.54
CA ASP A 83 -0.47 -14.36 15.73
C ASP A 83 0.20 -15.42 16.60
N SER A 84 0.41 -16.60 16.02
CA SER A 84 1.29 -17.57 16.65
C SER A 84 2.70 -17.00 16.74
N GLU A 85 3.48 -17.54 17.68
CA GLU A 85 4.87 -17.12 17.81
C GLU A 85 5.64 -17.31 16.50
N GLU A 86 5.44 -18.46 15.84
CA GLU A 86 6.19 -18.74 14.62
C GLU A 86 5.86 -17.74 13.52
N ILE A 87 4.57 -17.43 13.35
CA ILE A 87 4.18 -16.49 12.29
C ILE A 87 4.74 -15.11 12.59
N LEU A 88 4.71 -14.71 13.86
CA LEU A 88 5.18 -13.38 14.22
C LEU A 88 6.69 -13.25 14.07
N LEU A 89 7.44 -14.28 14.51
CA LEU A 89 8.89 -14.25 14.36
C LEU A 89 9.30 -14.27 12.89
N ASP A 90 8.58 -15.01 12.06
N ASP A 90 8.58 -15.01 12.06
CA ASP A 90 8.86 -14.98 10.63
CA ASP A 90 8.85 -14.99 10.63
C ASP A 90 8.63 -13.59 10.05
C ASP A 90 8.64 -13.60 10.05
N TYR A 91 7.52 -12.96 10.41
CA TYR A 91 7.23 -11.63 9.90
C TYR A 91 8.27 -10.62 10.38
N ALA A 92 8.72 -10.74 11.63
CA ALA A 92 9.70 -9.79 12.16
C ALA A 92 11.05 -9.90 11.47
N SER A 93 11.32 -11.00 10.77
CA SER A 93 12.60 -11.20 10.13
C SER A 93 12.54 -11.00 8.62
N GLN A 94 11.39 -10.62 8.07
CA GLN A 94 11.27 -10.37 6.64
C GLN A 94 11.47 -8.89 6.34
N VAL A 95 12.26 -8.59 5.33
CA VAL A 95 12.56 -7.22 4.95
C VAL A 95 11.91 -6.97 3.59
N GLU A 96 10.76 -6.29 3.62
CA GLU A 96 10.06 -5.90 2.41
C GLU A 96 10.47 -4.48 2.00
N SER A 97 9.92 -4.03 0.88
N SER A 97 9.91 -4.02 0.88
CA SER A 97 10.25 -2.69 0.40
CA SER A 97 10.24 -2.69 0.38
C SER A 97 9.89 -1.61 1.40
C SER A 97 9.86 -1.60 1.38
N ASP A 98 8.85 -1.83 2.21
CA ASP A 98 8.41 -0.83 3.17
C ASP A 98 8.83 -1.16 4.60
N TRP A 99 9.86 -1.98 4.77
CA TRP A 99 10.43 -2.24 6.09
C TRP A 99 10.72 -0.97 6.89
N PRO A 100 11.33 0.09 6.34
CA PRO A 100 11.56 1.30 7.15
C PRO A 100 10.27 1.91 7.66
N LEU A 101 9.14 1.63 7.02
CA LEU A 101 7.87 2.17 7.46
C LEU A 101 7.19 1.30 8.51
N THR A 102 7.32 -0.03 8.39
CA THR A 102 6.48 -0.97 9.14
C THR A 102 7.16 -1.53 10.39
N HIS A 103 8.46 -1.79 10.35
CA HIS A 103 9.04 -2.65 11.38
C HIS A 103 9.60 -1.87 12.56
N GLY A 104 9.53 -0.53 12.56
CA GLY A 104 9.89 0.21 13.76
C GLY A 104 8.99 -0.10 14.94
N GLN A 105 7.76 -0.53 14.67
CA GLN A 105 6.83 -0.92 15.73
C GLN A 105 7.41 -1.99 16.64
N PHE A 106 8.28 -2.86 16.11
CA PHE A 106 8.78 -3.96 16.92
C PHE A 106 9.76 -3.49 18.00
N PHE A 107 10.17 -2.23 17.98
CA PHE A 107 11.07 -1.71 18.99
C PHE A 107 10.36 -0.84 20.01
N SER A 108 9.04 -0.67 19.87
CA SER A 108 8.32 0.18 20.80
C SER A 108 7.11 -0.53 21.39
N ILE A 109 7.11 -1.85 21.37
CA ILE A 109 6.03 -2.64 21.95
C ILE A 109 6.23 -2.69 23.45
N LEU A 110 5.21 -2.28 24.19
CA LEU A 110 5.23 -2.41 25.65
C LEU A 110 4.58 -3.72 26.03
N PRO A 111 5.32 -4.69 26.59
CA PRO A 111 4.66 -5.90 27.08
C PRO A 111 3.82 -5.58 28.31
N ILE A 112 2.54 -5.93 28.24
CA ILE A 112 1.66 -5.80 29.40
C ILE A 112 1.20 -7.15 29.92
N TYR A 113 1.40 -8.22 29.15
CA TYR A 113 1.28 -9.58 29.63
C TYR A 113 2.26 -10.42 28.83
N ASP A 114 3.06 -11.22 29.51
CA ASP A 114 4.00 -12.10 28.80
C ASP A 114 4.38 -13.25 29.72
N SER A 115 4.03 -14.47 29.32
CA SER A 115 4.27 -15.65 30.15
C SER A 115 5.64 -16.28 29.92
N GLY A 116 6.46 -15.74 29.02
CA GLY A 116 7.84 -16.17 28.98
C GLY A 116 8.71 -15.50 27.94
N GLY A 117 8.87 -14.20 28.05
CA GLY A 117 9.84 -13.51 27.23
C GLY A 117 9.53 -13.49 25.75
N TYR A 118 8.27 -13.72 25.37
CA TYR A 118 7.94 -13.86 23.95
C TYR A 118 8.12 -12.55 23.19
N LEU A 119 7.70 -11.43 23.77
CA LEU A 119 7.82 -10.16 23.07
C LEU A 119 9.27 -9.70 23.01
N GLU A 120 10.06 -10.03 24.03
CA GLU A 120 11.49 -9.72 23.95
C GLU A 120 12.16 -10.53 22.85
N LYS A 121 11.70 -11.78 22.65
CA LYS A 121 12.24 -12.58 21.56
C LYS A 121 11.89 -11.99 20.20
N VAL A 122 10.68 -11.46 20.08
CA VAL A 122 10.27 -10.80 18.83
C VAL A 122 11.12 -9.55 18.61
N TYR A 123 11.33 -8.77 19.67
CA TYR A 123 12.17 -7.58 19.58
C TYR A 123 13.59 -7.94 19.15
N GLN A 124 14.16 -8.97 19.78
CA GLN A 124 15.52 -9.37 19.43
C GLN A 124 15.60 -9.89 18.00
N THR A 125 14.55 -10.59 17.55
CA THR A 125 14.53 -11.09 16.18
C THR A 125 14.46 -9.94 15.17
N ALA A 126 13.65 -8.92 15.46
CA ALA A 126 13.54 -7.78 14.56
C ALA A 126 14.84 -6.97 14.50
N LYS A 127 15.59 -6.93 15.61
CA LYS A 127 16.79 -6.13 15.69
C LYS A 127 18.02 -6.77 15.05
N SER A 128 17.98 -8.06 14.73
CA SER A 128 19.17 -8.80 14.34
C SER A 128 19.06 -9.37 12.93
N VAL A 129 18.55 -8.57 12.00
CA VAL A 129 18.31 -9.03 10.64
C VAL A 129 19.59 -8.93 9.81
N GLU A 130 19.80 -9.90 8.93
CA GLU A 130 21.04 -10.02 8.18
C GLU A 130 21.19 -8.88 7.16
N ALA A 131 22.41 -8.34 7.06
CA ALA A 131 22.65 -7.21 6.17
C ALA A 131 22.32 -7.53 4.72
N GLN A 132 22.53 -8.78 4.30
CA GLN A 132 22.21 -9.19 2.94
C GLN A 132 20.74 -8.94 2.61
N LYS A 133 19.85 -9.09 3.60
CA LYS A 133 18.43 -8.91 3.34
C LYS A 133 18.11 -7.48 2.93
N PHE A 134 18.86 -6.51 3.42
CA PHE A 134 18.61 -5.12 3.00
C PHE A 134 19.11 -4.88 1.59
N HIS A 135 20.23 -5.50 1.22
CA HIS A 135 20.71 -5.43 -0.14
C HIS A 135 19.69 -6.02 -1.12
N ASP A 136 19.13 -7.18 -0.77
CA ASP A 136 18.15 -7.81 -1.65
C ASP A 136 16.90 -6.95 -1.79
N ALA A 137 16.44 -6.37 -0.68
CA ALA A 137 15.24 -5.55 -0.71
C ALA A 137 15.44 -4.29 -1.54
N ILE A 138 16.63 -3.69 -1.45
CA ILE A 138 16.90 -2.47 -2.21
C ILE A 138 16.87 -2.76 -3.71
N CYS A 139 17.53 -3.85 -4.13
CA CYS A 139 17.53 -4.19 -5.55
C CYS A 139 16.12 -4.47 -6.05
N ALA A 140 15.30 -5.14 -5.22
CA ALA A 140 13.91 -5.38 -5.60
C ALA A 140 13.12 -4.08 -5.71
N LEU A 141 13.31 -3.16 -4.76
CA LEU A 141 12.58 -1.89 -4.79
C LEU A 141 12.88 -1.12 -6.07
N ILE A 142 14.13 -1.10 -6.48
CA ILE A 142 14.52 -0.36 -7.68
C ILE A 142 13.71 -0.84 -8.88
N VAL A 143 13.57 -2.16 -9.05
CA VAL A 143 12.83 -2.70 -10.17
C VAL A 143 11.33 -2.57 -9.94
N GLU A 144 10.84 -3.01 -8.78
CA GLU A 144 9.40 -3.16 -8.57
C GLU A 144 8.70 -1.83 -8.35
N GLU A 145 9.39 -0.83 -7.81
CA GLU A 145 8.79 0.47 -7.51
C GLU A 145 9.36 1.59 -8.37
N LEU A 146 10.66 1.86 -8.26
CA LEU A 146 11.23 3.06 -8.87
C LEU A 146 11.19 2.98 -10.40
N PHE A 147 11.67 1.88 -10.98
CA PHE A 147 11.59 1.73 -12.43
C PHE A 147 10.15 1.84 -12.91
N GLU A 148 9.23 1.23 -12.17
CA GLU A 148 7.81 1.31 -12.52
C GLU A 148 7.30 2.75 -12.46
N TYR A 149 7.69 3.50 -11.43
CA TYR A 149 7.24 4.89 -11.33
C TYR A 149 7.81 5.73 -12.46
N ALA A 150 9.06 5.45 -12.86
CA ALA A 150 9.66 6.21 -13.95
C ALA A 150 8.85 6.06 -15.23
N GLY A 151 8.38 4.84 -15.53
CA GLY A 151 7.49 4.66 -16.67
C GLY A 151 6.19 5.44 -16.53
N LYS A 152 5.66 5.52 -15.31
CA LYS A 152 4.39 6.20 -15.11
C LYS A 152 4.51 7.70 -15.33
N TRP A 153 5.58 8.33 -14.84
CA TRP A 153 5.68 9.78 -15.04
C TRP A 153 6.14 10.10 -16.45
N ARG A 154 6.88 9.20 -17.10
CA ARG A 154 7.22 9.44 -18.50
C ARG A 154 5.99 9.29 -19.39
N ASN A 155 5.07 8.40 -19.04
CA ASN A 155 3.78 8.35 -19.73
C ASN A 155 3.01 9.66 -19.54
N ILE A 156 2.99 10.18 -18.32
CA ILE A 156 2.31 11.45 -18.09
C ILE A 156 2.91 12.56 -18.95
N ARG A 157 4.24 12.54 -19.12
CA ARG A 157 4.90 13.57 -19.91
C ARG A 157 4.38 13.59 -21.35
N VAL A 158 4.13 12.42 -21.93
CA VAL A 158 3.77 12.33 -23.34
C VAL A 158 2.27 12.21 -23.57
N GLN A 159 1.49 11.73 -22.61
CA GLN A 159 0.08 11.50 -22.84
C GLN A 159 -0.82 11.89 -21.68
N GLY A 160 -0.30 12.49 -20.63
CA GLY A 160 -1.10 12.80 -19.46
C GLY A 160 -1.42 11.53 -18.69
N PRO A 161 -2.24 11.65 -17.63
CA PRO A 161 -2.83 12.89 -17.14
C PRO A 161 -1.96 13.59 -16.10
N THR A 162 -1.77 14.91 -16.25
CA THR A 162 -1.01 15.65 -15.25
C THR A 162 -1.74 15.72 -13.91
N THR A 163 -3.04 15.43 -13.89
CA THR A 163 -3.79 15.41 -12.64
C THR A 163 -3.37 14.27 -11.73
N PHE A 164 -2.63 13.29 -12.25
CA PHE A 164 -2.06 12.24 -11.44
C PHE A 164 -0.65 12.57 -10.95
N LEU A 165 -0.01 13.60 -11.51
CA LEU A 165 1.38 13.87 -11.18
C LEU A 165 1.62 14.23 -9.72
N PRO A 166 0.77 15.03 -9.04
CA PRO A 166 1.01 15.26 -7.61
C PRO A 166 0.97 13.98 -6.79
N SER A 167 -0.01 13.11 -7.03
CA SER A 167 -0.11 11.86 -6.28
C SER A 167 1.09 10.97 -6.56
N LEU A 168 1.48 10.87 -7.83
CA LEU A 168 2.63 10.05 -8.19
C LEU A 168 3.90 10.59 -7.54
N THR A 169 4.06 11.91 -7.51
CA THR A 169 5.28 12.48 -6.93
C THR A 169 5.39 12.16 -5.44
N VAL A 170 4.26 12.23 -4.74
CA VAL A 170 4.19 11.79 -3.34
C VAL A 170 4.64 10.35 -3.22
N GLN A 171 4.13 9.49 -4.10
CA GLN A 171 4.48 8.07 -4.04
C GLN A 171 5.97 7.85 -4.31
N VAL A 172 6.54 8.60 -5.26
CA VAL A 172 7.96 8.46 -5.55
C VAL A 172 8.80 8.90 -4.37
N ALA A 173 8.43 10.02 -3.74
CA ALA A 173 9.18 10.49 -2.57
C ALA A 173 9.14 9.47 -1.45
N MET A 174 8.00 8.81 -1.28
N MET A 174 7.99 8.82 -1.28
CA MET A 174 7.91 7.79 -0.23
CA MET A 174 7.88 7.78 -0.25
C MET A 174 8.78 6.58 -0.57
C MET A 174 8.76 6.58 -0.58
N ALA A 175 8.76 6.15 -1.84
CA ALA A 175 9.63 5.04 -2.24
C ALA A 175 11.10 5.40 -2.06
N GLY A 176 11.47 6.66 -2.36
CA GLY A 176 12.83 7.10 -2.11
C GLY A 176 13.18 7.06 -0.63
N ALA A 177 12.22 7.38 0.23
CA ALA A 177 12.45 7.30 1.66
C ALA A 177 12.64 5.85 2.10
N MET A 178 11.94 4.91 1.49
CA MET A 178 12.15 3.51 1.79
C MET A 178 13.55 3.07 1.37
N LEU A 179 13.98 3.51 0.19
CA LEU A 179 15.33 3.17 -0.28
C LEU A 179 16.38 3.66 0.70
N ILE A 180 16.24 4.91 1.17
CA ILE A 180 17.20 5.47 2.11
C ILE A 180 17.15 4.73 3.44
N GLY A 181 15.94 4.42 3.91
CA GLY A 181 15.80 3.72 5.17
C GLY A 181 16.39 2.32 5.12
N LEU A 182 16.20 1.61 4.01
CA LEU A 182 16.81 0.31 3.85
C LEU A 182 18.33 0.41 3.83
N HIS A 183 18.87 1.39 3.12
CA HIS A 183 20.32 1.54 3.02
C HIS A 183 20.95 1.79 4.38
N HIS A 184 20.35 2.68 5.16
CA HIS A 184 20.88 3.03 6.48
C HIS A 184 20.29 2.17 7.58
N ARG A 185 19.42 1.22 7.24
CA ARG A 185 18.78 0.32 8.22
C ARG A 185 18.04 1.12 9.29
N ILE A 186 17.31 2.14 8.85
CA ILE A 186 16.58 3.05 9.73
C ILE A 186 15.10 2.71 9.66
N CYS A 187 14.47 2.57 10.82
N CYS A 187 14.48 2.59 10.82
CA CYS A 187 13.02 2.47 10.90
CA CYS A 187 13.03 2.48 10.94
C CYS A 187 12.47 3.82 11.31
C CYS A 187 12.49 3.86 11.32
N TYR A 188 11.70 4.45 10.42
CA TYR A 188 11.13 5.77 10.68
C TYR A 188 10.18 5.72 11.87
N THR A 189 10.17 6.81 12.65
CA THR A 189 9.40 6.85 13.89
C THR A 189 7.90 6.72 13.63
N THR A 190 7.36 7.55 12.76
CA THR A 190 5.94 7.55 12.41
C THR A 190 5.78 7.71 10.91
N SER A 191 4.56 7.46 10.44
N SER A 191 4.56 7.48 10.43
CA SER A 191 4.25 7.75 9.03
CA SER A 191 4.26 7.74 9.02
C SER A 191 4.51 9.22 8.70
C SER A 191 4.46 9.22 8.68
N ALA A 192 4.15 10.11 9.61
CA ALA A 192 4.29 11.55 9.37
C ALA A 192 5.74 12.01 9.35
N SER A 193 6.65 11.29 10.01
CA SER A 193 8.03 11.71 10.10
C SER A 193 8.91 11.08 9.05
N VAL A 194 8.34 10.28 8.13
CA VAL A 194 9.15 9.54 7.18
C VAL A 194 10.01 10.49 6.34
N LEU A 195 9.38 11.50 5.73
CA LEU A 195 10.12 12.38 4.83
C LEU A 195 11.06 13.29 5.60
N THR A 196 10.64 13.79 6.76
CA THR A 196 11.52 14.65 7.55
C THR A 196 12.77 13.90 7.98
N GLU A 197 12.62 12.64 8.41
CA GLU A 197 13.78 11.85 8.81
C GLU A 197 14.59 11.37 7.62
N ALA A 198 13.94 11.13 6.48
CA ALA A 198 14.67 10.64 5.32
C ALA A 198 15.64 11.68 4.80
N VAL A 199 15.22 12.94 4.70
CA VAL A 199 16.09 13.97 4.14
C VAL A 199 17.20 14.38 5.08
N LYS A 200 17.16 13.94 6.35
CA LYS A 200 18.24 14.22 7.29
C LYS A 200 19.40 13.25 7.14
N GLN A 201 19.22 12.14 6.42
CA GLN A 201 20.25 11.12 6.34
C GLN A 201 21.37 11.55 5.41
N SER A 202 22.55 11.01 5.66
CA SER A 202 23.69 11.26 4.79
C SER A 202 23.60 10.40 3.53
N ASP A 203 24.35 10.81 2.51
CA ASP A 203 24.55 9.98 1.31
C ASP A 203 23.24 9.71 0.57
N LEU A 204 22.45 10.75 0.38
CA LEU A 204 21.20 10.64 -0.34
C LEU A 204 21.45 10.58 -1.85
N PRO A 205 20.62 9.85 -2.60
CA PRO A 205 20.69 9.95 -4.06
C PRO A 205 20.46 11.40 -4.49
N SER A 206 21.22 11.83 -5.49
N SER A 206 21.22 11.84 -5.49
CA SER A 206 21.11 13.20 -5.97
CA SER A 206 21.12 13.22 -5.94
C SER A 206 19.70 13.49 -6.45
C SER A 206 19.73 13.51 -6.48
N GLY A 207 19.20 14.67 -6.09
CA GLY A 207 17.87 15.10 -6.50
C GLY A 207 16.75 14.70 -5.57
N TYR A 208 17.01 13.82 -4.59
CA TYR A 208 15.95 13.38 -3.71
C TYR A 208 15.47 14.52 -2.82
N ASP A 209 16.41 15.28 -2.24
CA ASP A 209 16.01 16.37 -1.36
C ASP A 209 15.23 17.44 -2.10
N HIS A 210 15.63 17.72 -3.35
CA HIS A 210 14.88 18.69 -4.16
C HIS A 210 13.47 18.19 -4.42
N LEU A 211 13.31 16.90 -4.71
CA LEU A 211 11.97 16.35 -4.93
C LEU A 211 11.12 16.47 -3.67
N CYS A 212 11.70 16.18 -2.51
CA CYS A 212 10.96 16.22 -1.26
C CYS A 212 10.51 17.62 -0.90
N GLN A 213 11.24 18.65 -1.37
CA GLN A 213 10.80 20.01 -1.10
C GLN A 213 9.43 20.28 -1.68
N PHE A 214 9.17 19.78 -2.90
CA PHE A 214 7.84 19.90 -3.48
C PHE A 214 6.81 19.16 -2.63
N VAL A 215 7.13 17.93 -2.23
CA VAL A 215 6.15 17.09 -1.55
C VAL A 215 5.89 17.62 -0.15
N MET A 216 6.92 18.06 0.55
CA MET A 216 6.74 18.51 1.93
C MET A 216 6.09 19.89 1.99
N SER A 217 6.38 20.75 1.01
CA SER A 217 5.73 22.07 0.97
C SER A 217 4.34 22.02 0.35
N GLY A 218 4.01 20.94 -0.34
CA GLY A 218 2.74 20.86 -1.03
C GLY A 218 2.66 21.65 -2.32
N GLN A 219 3.77 22.18 -2.80
CA GLN A 219 3.80 22.93 -4.06
C GLN A 219 3.99 21.93 -5.21
N LEU A 220 2.87 21.32 -5.60
CA LEU A 220 2.89 20.25 -6.59
C LEU A 220 2.10 20.60 -7.85
N SER A 221 1.92 21.90 -8.13
CA SER A 221 1.09 22.32 -9.25
C SER A 221 1.87 22.61 -10.53
N ASP A 222 3.20 22.72 -10.45
CA ASP A 222 4.04 22.99 -11.62
C ASP A 222 4.51 21.66 -12.19
N SER A 223 3.73 21.13 -13.14
N SER A 223 3.75 21.14 -13.15
CA SER A 223 4.01 19.80 -13.68
CA SER A 223 4.02 19.80 -13.67
C SER A 223 5.36 19.73 -14.38
C SER A 223 5.38 19.74 -14.37
N GLU A 224 5.77 20.81 -15.06
CA GLU A 224 7.06 20.82 -15.73
C GLU A 224 8.19 20.71 -14.72
N LYS A 225 8.09 21.43 -13.59
CA LYS A 225 9.12 21.35 -12.56
C LYS A 225 9.17 19.98 -11.92
N LEU A 226 8.01 19.38 -11.66
CA LEU A 226 7.97 18.04 -11.06
C LEU A 226 8.61 17.01 -11.97
N LEU A 227 8.29 17.05 -13.26
CA LEU A 227 8.88 16.09 -14.19
C LEU A 227 10.39 16.24 -14.26
N GLU A 228 10.88 17.49 -14.28
CA GLU A 228 12.32 17.71 -14.23
C GLU A 228 12.93 17.15 -12.96
N SER A 229 12.29 17.40 -11.82
CA SER A 229 12.82 16.93 -10.54
C SER A 229 12.76 15.41 -10.45
N LEU A 230 11.71 14.79 -10.99
CA LEU A 230 11.63 13.34 -11.03
C LEU A 230 12.75 12.74 -11.89
N GLU A 231 12.99 13.33 -13.06
CA GLU A 231 14.08 12.83 -13.91
C GLU A 231 15.44 13.01 -13.23
N ASN A 232 15.63 14.14 -12.56
CA ASN A 232 16.89 14.37 -11.85
C ASN A 232 17.08 13.35 -10.74
N PHE A 233 16.01 13.04 -10.00
CA PHE A 233 16.08 12.01 -8.97
C PHE A 233 16.38 10.64 -9.58
N TRP A 234 15.73 10.32 -10.70
CA TRP A 234 15.97 9.03 -11.37
C TRP A 234 17.42 8.91 -11.81
N ASN A 235 18.01 10.00 -12.33
CA ASN A 235 19.43 9.98 -12.64
C ASN A 235 20.27 9.77 -11.39
N GLY A 236 19.90 10.44 -10.29
CA GLY A 236 20.61 10.26 -9.03
C GLY A 236 20.56 8.82 -8.54
N ILE A 237 19.42 8.16 -8.72
N ILE A 237 19.41 8.17 -8.71
CA ILE A 237 19.31 6.76 -8.32
CA ILE A 237 19.29 6.76 -8.34
C ILE A 237 20.30 5.91 -9.10
C ILE A 237 20.31 5.92 -9.11
N GLN A 238 20.47 6.19 -10.41
CA GLN A 238 21.40 5.42 -11.21
C GLN A 238 22.82 5.55 -10.69
N GLU A 239 23.25 6.77 -10.41
CA GLU A 239 24.60 6.99 -9.90
C GLU A 239 24.76 6.42 -8.51
N TRP A 240 23.75 6.60 -7.66
CA TRP A 240 23.84 6.20 -6.26
C TRP A 240 23.85 4.69 -6.10
N THR A 241 23.00 3.98 -6.86
CA THR A 241 23.00 2.52 -6.76
C THR A 241 24.27 1.93 -7.34
N GLU A 242 24.75 2.48 -8.46
CA GLU A 242 26.00 1.99 -9.02
C GLU A 242 27.14 2.20 -8.05
N ARG A 243 27.18 3.35 -7.39
CA ARG A 243 28.27 3.67 -6.48
C ARG A 243 28.26 2.73 -5.26
N HIS A 244 27.07 2.38 -4.77
CA HIS A 244 26.95 1.56 -3.57
C HIS A 244 26.81 0.07 -3.88
N GLY A 245 26.92 -0.32 -5.14
CA GLY A 245 26.90 -1.72 -5.49
C GLY A 245 25.56 -2.39 -5.44
N TYR A 246 24.46 -1.61 -5.50
CA TYR A 246 23.11 -2.17 -5.61
C TYR A 246 22.83 -2.37 -7.09
N ILE A 247 23.38 -3.45 -7.64
CA ILE A 247 23.41 -3.68 -9.08
C ILE A 247 22.23 -4.57 -9.43
N VAL A 248 21.29 -4.02 -10.19
CA VAL A 248 20.15 -4.76 -10.69
C VAL A 248 20.59 -5.59 -11.88
N ASP A 249 20.18 -6.85 -11.91
CA ASP A 249 20.51 -7.72 -13.04
C ASP A 249 19.70 -7.30 -14.25
N VAL A 250 20.40 -6.86 -15.30
CA VAL A 250 19.74 -6.46 -16.54
C VAL A 250 20.16 -7.36 -17.70
N SER A 251 20.78 -8.50 -17.40
CA SER A 251 21.43 -9.30 -18.43
C SER A 251 20.50 -10.30 -19.12
N LYS A 252 19.24 -10.42 -18.69
CA LYS A 252 18.36 -11.43 -19.23
C LYS A 252 17.11 -10.80 -19.81
N ARG A 253 16.76 -11.20 -21.03
CA ARG A 253 15.47 -10.83 -21.58
C ARG A 253 14.35 -11.50 -20.81
N ILE A 254 14.53 -12.78 -20.48
CA ILE A 254 13.59 -13.55 -19.68
C ILE A 254 14.41 -14.31 -18.63
N PRO A 255 14.19 -14.06 -17.34
CA PRO A 255 15.08 -14.64 -16.30
C PRO A 255 14.74 -16.06 -15.90
N PHE A 256 13.98 -16.78 -16.71
CA PHE A 256 13.75 -18.19 -16.42
C PHE A 256 13.78 -19.00 -17.71
N MET B 4 21.08 1.16 -15.94
CA MET B 4 19.81 1.26 -16.65
C MET B 4 19.46 2.71 -16.95
N ASN B 5 18.96 2.95 -18.16
CA ASN B 5 18.59 4.28 -18.62
C ASN B 5 17.13 4.60 -18.33
N GLY B 6 16.45 3.76 -17.56
CA GLY B 6 15.04 3.88 -17.32
C GLY B 6 14.26 3.25 -18.45
N PRO B 7 12.94 3.24 -18.34
CA PRO B 7 12.12 2.63 -19.40
C PRO B 7 12.22 3.41 -20.70
N ILE B 8 12.26 2.68 -21.80
CA ILE B 8 12.31 3.28 -23.12
C ILE B 8 10.89 3.33 -23.69
N ILE B 9 10.72 4.11 -24.75
CA ILE B 9 9.50 4.10 -25.53
C ILE B 9 9.42 2.81 -26.32
N MET B 10 8.24 2.19 -26.32
CA MET B 10 8.00 1.04 -27.16
C MET B 10 6.62 1.17 -27.78
N THR B 11 6.44 0.55 -28.94
CA THR B 11 5.12 0.47 -29.53
C THR B 11 4.38 -0.74 -28.99
N ARG B 12 3.06 -0.72 -29.15
CA ARG B 12 2.25 -1.88 -28.79
C ARG B 12 2.71 -3.14 -29.51
N GLU B 13 3.06 -3.01 -30.79
CA GLU B 13 3.53 -4.18 -31.53
C GLU B 13 4.82 -4.73 -30.93
N GLU B 14 5.74 -3.84 -30.55
CA GLU B 14 6.97 -4.28 -29.89
C GLU B 14 6.66 -4.97 -28.56
N ARG B 15 5.72 -4.42 -27.80
CA ARG B 15 5.37 -5.02 -26.52
C ARG B 15 4.71 -6.38 -26.70
N MET B 16 3.83 -6.51 -27.69
CA MET B 16 3.18 -7.80 -27.92
C MET B 16 4.16 -8.85 -28.41
N LYS B 17 5.20 -8.44 -29.14
CA LYS B 17 6.25 -9.39 -29.52
C LYS B 17 6.95 -9.95 -28.31
N ILE B 18 7.26 -9.09 -27.33
CA ILE B 18 7.87 -9.54 -26.09
C ILE B 18 6.92 -10.46 -25.32
N VAL B 19 5.64 -10.09 -25.27
CA VAL B 19 4.66 -10.91 -24.57
C VAL B 19 4.65 -12.33 -25.13
N HIS B 20 4.68 -12.45 -26.45
CA HIS B 20 4.62 -13.78 -27.04
C HIS B 20 5.93 -14.54 -26.86
N GLU B 21 7.06 -13.82 -26.82
CA GLU B 21 8.33 -14.48 -26.48
C GLU B 21 8.27 -15.04 -25.05
N ILE B 22 7.70 -14.27 -24.13
CA ILE B 22 7.57 -14.75 -22.75
C ILE B 22 6.61 -15.92 -22.67
N LYS B 23 5.49 -15.83 -23.40
CA LYS B 23 4.56 -16.95 -23.47
C LYS B 23 5.25 -18.24 -23.88
N GLU B 24 6.05 -18.19 -24.94
CA GLU B 24 6.69 -19.41 -25.42
C GLU B 24 7.70 -19.93 -24.39
N ARG B 25 8.39 -19.04 -23.71
CA ARG B 25 9.34 -19.47 -22.68
C ARG B 25 8.63 -20.07 -21.49
N ILE B 26 7.46 -19.53 -21.13
CA ILE B 26 6.69 -20.12 -20.03
C ILE B 26 6.27 -21.53 -20.38
N LEU B 27 5.81 -21.75 -21.60
CA LEU B 27 5.35 -23.08 -22.01
C LEU B 27 6.52 -24.06 -22.07
N ASP B 28 7.69 -23.61 -22.53
CA ASP B 28 8.86 -24.48 -22.54
C ASP B 28 9.30 -24.85 -21.14
N LYS B 29 9.34 -23.89 -20.22
CA LYS B 29 9.87 -24.17 -18.89
C LYS B 29 8.88 -24.95 -18.03
N TYR B 30 7.62 -24.52 -17.98
CA TYR B 30 6.67 -25.10 -17.03
C TYR B 30 5.75 -26.14 -17.67
N GLY B 31 5.69 -26.20 -19.00
CA GLY B 31 5.06 -27.32 -19.69
C GLY B 31 3.58 -27.47 -19.42
N ASP B 32 3.15 -28.71 -19.18
CA ASP B 32 1.73 -29.02 -19.05
C ASP B 32 1.11 -28.46 -17.77
N ASP B 33 1.92 -27.99 -16.82
CA ASP B 33 1.32 -27.38 -15.65
C ASP B 33 0.75 -26.00 -15.93
N VAL B 34 1.03 -25.44 -17.10
CA VAL B 34 0.50 -24.14 -17.46
C VAL B 34 -0.89 -24.37 -18.06
N LYS B 35 -1.90 -23.84 -17.39
CA LYS B 35 -3.26 -23.94 -17.90
C LYS B 35 -3.67 -22.75 -18.74
N ALA B 36 -3.18 -21.56 -18.43
CA ALA B 36 -3.53 -20.36 -19.19
C ALA B 36 -2.49 -19.27 -18.95
N ILE B 37 -2.36 -18.41 -19.95
CA ILE B 37 -1.50 -17.23 -19.89
C ILE B 37 -2.30 -16.05 -20.42
N GLY B 38 -2.31 -14.96 -19.68
CA GLY B 38 -3.02 -13.78 -20.11
C GLY B 38 -2.18 -12.54 -19.89
N VAL B 39 -2.53 -11.49 -20.63
CA VAL B 39 -1.93 -10.19 -20.43
C VAL B 39 -3.02 -9.27 -19.91
N TYR B 40 -2.70 -8.55 -18.85
CA TYR B 40 -3.64 -7.60 -18.28
C TYR B 40 -2.97 -6.23 -18.28
N GLY B 41 -3.59 -5.29 -17.58
CA GLY B 41 -3.13 -3.92 -17.60
C GLY B 41 -3.53 -3.31 -18.92
N SER B 42 -2.92 -2.17 -19.23
CA SER B 42 -3.42 -1.46 -20.40
C SER B 42 -2.93 -2.09 -21.71
N LEU B 43 -2.09 -3.11 -21.64
CA LEU B 43 -1.68 -3.81 -22.84
C LEU B 43 -2.70 -4.87 -23.19
N GLY B 44 -3.29 -5.53 -22.19
CA GLY B 44 -4.41 -6.41 -22.44
C GLY B 44 -5.67 -5.68 -22.83
N ARG B 45 -5.60 -4.35 -22.85
CA ARG B 45 -6.71 -3.48 -23.18
C ARG B 45 -6.40 -2.64 -24.41
N GLN B 46 -5.16 -2.75 -24.90
CA GLN B 46 -4.73 -2.11 -26.14
C GLN B 46 -4.82 -0.59 -26.04
N THR B 47 -4.65 -0.08 -24.82
CA THR B 47 -4.50 1.34 -24.53
C THR B 47 -3.18 1.64 -23.84
N ASP B 48 -2.19 0.78 -24.02
N ASP B 48 -2.18 0.78 -24.05
CA ASP B 48 -0.93 0.93 -23.31
CA ASP B 48 -0.92 0.93 -23.34
C ASP B 48 -0.18 2.17 -23.78
C ASP B 48 -0.17 2.18 -23.79
N GLY B 49 0.48 2.84 -22.84
CA GLY B 49 1.27 4.03 -23.12
C GLY B 49 2.66 3.68 -23.64
N PRO B 50 3.34 4.65 -24.23
CA PRO B 50 4.68 4.38 -24.77
C PRO B 50 5.66 3.81 -23.76
N TYR B 51 5.55 4.18 -22.49
CA TYR B 51 6.51 3.73 -21.48
C TYR B 51 5.95 2.64 -20.57
N SER B 52 4.81 2.06 -20.92
CA SER B 52 4.15 1.13 -20.03
C SER B 52 4.97 -0.14 -19.81
N ASP B 53 4.89 -0.68 -18.60
CA ASP B 53 5.50 -1.97 -18.33
C ASP B 53 4.55 -3.07 -18.77
N ILE B 54 5.00 -4.31 -18.63
CA ILE B 54 4.27 -5.48 -19.10
C ILE B 54 3.90 -6.32 -17.89
N GLU B 55 2.62 -6.68 -17.80
CA GLU B 55 2.11 -7.50 -16.71
C GLU B 55 1.40 -8.70 -17.31
N MET B 56 1.77 -9.89 -16.87
CA MET B 56 1.17 -11.12 -17.36
C MET B 56 0.74 -11.97 -16.18
N MET B 57 -0.23 -12.85 -16.44
CA MET B 57 -0.74 -13.76 -15.42
C MET B 57 -0.76 -15.16 -15.97
N CYS B 58 -0.44 -16.15 -15.12
N CYS B 58 -0.38 -16.13 -15.13
CA CYS B 58 -0.36 -17.54 -15.53
CA CYS B 58 -0.42 -17.53 -15.51
C CYS B 58 -1.14 -18.40 -14.54
C CYS B 58 -1.27 -18.29 -14.53
N VAL B 59 -2.09 -19.18 -15.05
CA VAL B 59 -2.88 -20.11 -14.25
C VAL B 59 -2.19 -21.47 -14.30
N MET B 60 -1.83 -22.00 -13.14
CA MET B 60 -1.10 -23.25 -13.04
C MET B 60 -1.99 -24.35 -12.49
N SER B 61 -1.73 -25.58 -12.91
CA SER B 61 -2.40 -26.73 -12.31
C SER B 61 -1.71 -27.19 -11.03
N THR B 62 -0.46 -26.77 -10.82
CA THR B 62 0.32 -27.21 -9.67
C THR B 62 -0.31 -26.74 -8.38
N GLU B 63 -0.63 -27.69 -7.50
CA GLU B 63 -1.21 -27.32 -6.20
C GLU B 63 -0.25 -26.42 -5.43
N GLU B 64 -0.82 -25.38 -4.82
CA GLU B 64 -0.15 -24.42 -3.92
C GLU B 64 0.77 -23.46 -4.66
N ALA B 65 0.86 -23.54 -5.99
CA ALA B 65 1.75 -22.66 -6.73
C ALA B 65 1.36 -21.19 -6.54
N GLU B 66 2.33 -20.38 -6.13
CA GLU B 66 2.08 -18.94 -5.96
C GLU B 66 3.45 -18.26 -5.99
N PHE B 67 3.89 -17.87 -7.19
CA PHE B 67 5.18 -17.22 -7.32
C PHE B 67 5.11 -16.21 -8.45
N SER B 68 6.17 -15.43 -8.59
CA SER B 68 6.21 -14.43 -9.64
C SER B 68 7.65 -14.23 -10.10
N HIS B 69 7.79 -13.73 -11.32
CA HIS B 69 9.06 -13.27 -11.86
C HIS B 69 8.86 -11.81 -12.25
N GLU B 70 9.67 -10.93 -11.69
CA GLU B 70 9.58 -9.50 -11.97
C GLU B 70 10.98 -8.99 -12.20
N TRP B 71 11.21 -8.42 -13.39
CA TRP B 71 12.58 -8.12 -13.77
C TRP B 71 12.60 -6.96 -14.76
N THR B 72 13.81 -6.46 -15.01
CA THR B 72 13.99 -5.46 -16.04
C THR B 72 15.16 -5.85 -16.93
N THR B 73 15.05 -5.50 -18.20
CA THR B 73 16.16 -5.62 -19.13
C THR B 73 17.01 -4.37 -19.15
N GLY B 74 16.73 -3.42 -18.27
CA GLY B 74 17.28 -2.08 -18.34
C GLY B 74 16.46 -1.14 -19.20
N GLU B 75 15.80 -1.66 -20.23
CA GLU B 75 14.98 -0.87 -21.13
C GLU B 75 13.48 -1.03 -20.87
N TRP B 76 13.04 -2.20 -20.45
CA TRP B 76 11.64 -2.40 -20.08
C TRP B 76 11.57 -3.31 -18.86
N LYS B 77 10.36 -3.39 -18.29
CA LYS B 77 10.12 -4.13 -17.06
C LYS B 77 8.94 -5.07 -17.28
N VAL B 78 9.02 -6.26 -16.70
CA VAL B 78 7.95 -7.26 -16.81
C VAL B 78 7.65 -7.81 -15.43
N GLU B 79 6.36 -8.11 -15.20
CA GLU B 79 5.93 -8.87 -14.03
C GLU B 79 5.05 -9.99 -14.53
N VAL B 80 5.40 -11.23 -14.18
CA VAL B 80 4.58 -12.39 -14.50
C VAL B 80 4.24 -13.08 -13.19
N ASN B 81 2.95 -13.25 -12.93
CA ASN B 81 2.47 -13.92 -11.73
C ASN B 81 1.97 -15.30 -12.10
N PHE B 82 2.36 -16.30 -11.31
CA PHE B 82 2.00 -17.69 -11.50
C PHE B 82 1.22 -18.15 -10.28
N ASP B 83 -0.03 -18.59 -10.50
CA ASP B 83 -0.87 -19.00 -9.37
C ASP B 83 -1.61 -20.29 -9.73
N SER B 84 -1.78 -21.17 -8.75
CA SER B 84 -2.70 -22.27 -8.97
C SER B 84 -4.10 -21.72 -9.20
N GLU B 85 -4.91 -22.50 -9.90
CA GLU B 85 -6.29 -22.10 -10.14
C GLU B 85 -7.02 -21.77 -8.84
N GLU B 86 -6.87 -22.63 -7.83
CA GLU B 86 -7.60 -22.41 -6.58
C GLU B 86 -7.19 -21.10 -5.93
N ILE B 87 -5.88 -20.84 -5.86
CA ILE B 87 -5.38 -19.63 -5.22
C ILE B 87 -5.85 -18.38 -5.98
N LEU B 88 -5.81 -18.43 -7.30
CA LEU B 88 -6.20 -17.27 -8.10
C LEU B 88 -7.69 -17.00 -8.00
N LEU B 89 -8.51 -18.05 -8.05
CA LEU B 89 -9.95 -17.85 -7.93
C LEU B 89 -10.32 -17.33 -6.55
N ASP B 90 -9.63 -17.80 -5.51
N ASP B 90 -9.63 -17.81 -5.50
CA ASP B 90 -9.86 -17.27 -4.17
CA ASP B 90 -9.86 -17.26 -4.17
C ASP B 90 -9.50 -15.79 -4.10
C ASP B 90 -9.50 -15.78 -4.11
N TYR B 91 -8.35 -15.41 -4.68
CA TYR B 91 -7.96 -14.01 -4.67
C TYR B 91 -8.93 -13.15 -5.48
N ALA B 92 -9.41 -13.68 -6.62
CA ALA B 92 -10.33 -12.92 -7.46
C ALA B 92 -11.68 -12.71 -6.78
N SER B 93 -12.01 -13.49 -5.77
CA SER B 93 -13.30 -13.38 -5.12
C SER B 93 -13.25 -12.70 -3.76
N GLN B 94 -12.07 -12.22 -3.34
CA GLN B 94 -11.93 -11.47 -2.10
C GLN B 94 -11.99 -9.98 -2.41
N VAL B 95 -12.75 -9.24 -1.61
CA VAL B 95 -12.93 -7.80 -1.81
C VAL B 95 -12.25 -7.09 -0.65
N GLU B 96 -11.07 -6.52 -0.92
CA GLU B 96 -10.33 -5.74 0.04
C GLU B 96 -10.65 -4.25 -0.16
N SER B 97 -10.08 -3.41 0.71
CA SER B 97 -10.27 -1.97 0.59
C SER B 97 -9.83 -1.45 -0.76
N ASP B 98 -8.80 -2.06 -1.37
CA ASP B 98 -8.27 -1.56 -2.63
C ASP B 98 -8.72 -2.42 -3.82
N TRP B 99 -9.82 -3.15 -3.68
CA TRP B 99 -10.40 -3.86 -4.81
C TRP B 99 -10.54 -2.99 -6.07
N PRO B 100 -11.03 -1.74 -6.02
CA PRO B 100 -11.11 -0.95 -7.25
C PRO B 100 -9.77 -0.72 -7.92
N LEU B 101 -8.68 -0.82 -7.18
CA LEU B 101 -7.34 -0.60 -7.72
C LEU B 101 -6.74 -1.88 -8.30
N THR B 102 -7.03 -3.03 -7.69
CA THR B 102 -6.34 -4.27 -8.00
C THR B 102 -7.11 -5.17 -8.96
N HIS B 103 -8.43 -5.20 -8.87
CA HIS B 103 -9.18 -6.28 -9.51
C HIS B 103 -9.65 -5.96 -10.90
N GLY B 104 -9.34 -4.77 -11.43
CA GLY B 104 -9.57 -4.53 -12.84
C GLY B 104 -8.82 -5.51 -13.73
N GLN B 105 -7.73 -6.09 -13.22
CA GLN B 105 -6.99 -7.10 -13.97
C GLN B 105 -7.90 -8.20 -14.47
N PHE B 106 -8.88 -8.59 -13.65
CA PHE B 106 -9.72 -9.74 -13.98
C PHE B 106 -10.82 -9.42 -14.99
N PHE B 107 -11.04 -8.14 -15.30
CA PHE B 107 -12.07 -7.78 -16.28
C PHE B 107 -11.48 -7.32 -17.60
N SER B 108 -10.16 -7.33 -17.74
CA SER B 108 -9.47 -6.85 -18.92
C SER B 108 -8.42 -7.84 -19.42
N ILE B 109 -8.66 -9.14 -19.19
CA ILE B 109 -7.69 -10.16 -19.54
C ILE B 109 -7.71 -10.37 -21.05
N LEU B 110 -6.54 -10.22 -21.67
CA LEU B 110 -6.37 -10.63 -23.06
C LEU B 110 -5.77 -12.02 -23.05
N PRO B 111 -6.51 -13.06 -23.43
CA PRO B 111 -5.94 -14.41 -23.44
C PRO B 111 -4.89 -14.55 -24.53
N ILE B 112 -3.72 -15.07 -24.15
CA ILE B 112 -2.75 -15.45 -25.16
C ILE B 112 -2.44 -16.93 -25.17
N TYR B 113 -2.80 -17.67 -24.11
CA TYR B 113 -2.80 -19.14 -24.12
C TYR B 113 -3.87 -19.61 -23.15
N ASP B 114 -4.66 -20.60 -23.55
CA ASP B 114 -5.67 -21.18 -22.65
C ASP B 114 -5.88 -22.62 -23.06
N SER B 115 -5.72 -23.54 -22.10
N SER B 115 -5.71 -23.55 -22.12
CA SER B 115 -5.91 -24.96 -22.39
CA SER B 115 -5.91 -24.96 -22.45
C SER B 115 -7.37 -25.34 -22.50
C SER B 115 -7.38 -25.37 -22.46
N GLY B 116 -8.28 -24.49 -22.05
CA GLY B 116 -9.68 -24.84 -22.05
C GLY B 116 -10.55 -24.06 -21.07
N GLY B 117 -10.78 -22.80 -21.37
CA GLY B 117 -11.70 -21.97 -20.62
C GLY B 117 -11.25 -21.56 -19.24
N TYR B 118 -9.95 -21.64 -18.94
CA TYR B 118 -9.48 -21.28 -17.60
C TYR B 118 -9.63 -19.79 -17.33
N LEU B 119 -9.32 -18.96 -18.32
CA LEU B 119 -9.39 -17.51 -18.10
C LEU B 119 -10.84 -17.04 -17.99
N GLU B 120 -11.77 -17.72 -18.68
CA GLU B 120 -13.18 -17.39 -18.51
C GLU B 120 -13.64 -17.71 -17.10
N LYS B 121 -13.14 -18.80 -16.50
CA LYS B 121 -13.54 -19.12 -15.13
C LYS B 121 -13.06 -18.04 -14.18
N VAL B 122 -11.86 -17.50 -14.42
CA VAL B 122 -11.34 -16.42 -13.57
C VAL B 122 -12.21 -15.18 -13.69
N TYR B 123 -12.57 -14.81 -14.92
CA TYR B 123 -13.42 -13.65 -15.12
C TYR B 123 -14.78 -13.84 -14.44
N GLN B 124 -15.38 -15.03 -14.60
CA GLN B 124 -16.68 -15.28 -14.00
C GLN B 124 -16.62 -15.24 -12.48
N THR B 125 -15.53 -15.72 -11.89
CA THR B 125 -15.39 -15.66 -10.44
C THR B 125 -15.28 -14.22 -9.96
N ALA B 126 -14.52 -13.39 -10.67
CA ALA B 126 -14.38 -12.00 -10.26
C ALA B 126 -15.67 -11.22 -10.45
N LYS B 127 -16.45 -11.56 -11.47
CA LYS B 127 -17.67 -10.84 -11.79
C LYS B 127 -18.85 -11.23 -10.91
N SER B 128 -18.81 -12.40 -10.30
N SER B 128 -18.81 -12.40 -10.27
CA SER B 128 -19.95 -12.95 -9.57
CA SER B 128 -19.97 -12.94 -9.57
C SER B 128 -19.80 -12.83 -8.06
C SER B 128 -19.91 -12.73 -8.06
N VAL B 129 -19.03 -11.85 -7.60
CA VAL B 129 -18.85 -11.68 -6.16
C VAL B 129 -20.13 -11.12 -5.54
N GLU B 130 -20.48 -11.65 -4.37
CA GLU B 130 -21.74 -11.35 -3.72
C GLU B 130 -21.75 -9.92 -3.17
N ALA B 131 -22.91 -9.26 -3.28
CA ALA B 131 -23.02 -7.87 -2.85
C ALA B 131 -22.62 -7.69 -1.38
N GLN B 132 -22.88 -8.68 -0.54
CA GLN B 132 -22.52 -8.55 0.88
C GLN B 132 -21.03 -8.30 1.08
N LYS B 133 -20.17 -8.87 0.22
CA LYS B 133 -18.73 -8.65 0.36
C LYS B 133 -18.36 -7.20 0.12
N PHE B 134 -19.08 -6.50 -0.79
CA PHE B 134 -18.79 -5.09 -1.02
C PHE B 134 -19.29 -4.24 0.13
N HIS B 135 -20.43 -4.61 0.72
CA HIS B 135 -20.91 -3.91 1.90
C HIS B 135 -19.91 -4.02 3.05
N ASP B 136 -19.42 -5.24 3.32
CA ASP B 136 -18.46 -5.44 4.40
C ASP B 136 -17.16 -4.69 4.13
N ALA B 137 -16.70 -4.69 2.88
CA ALA B 137 -15.46 -4.01 2.56
C ALA B 137 -15.58 -2.51 2.76
N ILE B 138 -16.75 -1.95 2.43
CA ILE B 138 -16.97 -0.53 2.62
C ILE B 138 -16.94 -0.18 4.11
N CYS B 139 -17.63 -0.97 4.92
CA CYS B 139 -17.64 -0.71 6.36
C CYS B 139 -16.24 -0.85 6.95
N ALA B 140 -15.47 -1.84 6.50
CA ALA B 140 -14.09 -1.98 6.95
C ALA B 140 -13.24 -0.79 6.49
N LEU B 141 -13.42 -0.34 5.26
CA LEU B 141 -12.65 0.79 4.76
C LEU B 141 -12.86 2.02 5.65
N ILE B 142 -14.12 2.28 6.04
CA ILE B 142 -14.41 3.45 6.87
C ILE B 142 -13.61 3.40 8.16
N VAL B 143 -13.56 2.23 8.80
CA VAL B 143 -12.88 2.07 10.07
C VAL B 143 -11.37 2.03 9.90
N GLU B 144 -10.90 1.14 9.02
CA GLU B 144 -9.46 0.86 8.94
C GLU B 144 -8.70 1.97 8.21
N GLU B 145 -9.36 2.71 7.32
CA GLU B 145 -8.66 3.73 6.56
C GLU B 145 -9.12 5.14 6.93
N LEU B 146 -10.39 5.47 6.72
CA LEU B 146 -10.83 6.84 6.86
C LEU B 146 -10.78 7.30 8.32
N PHE B 147 -11.34 6.51 9.23
CA PHE B 147 -11.25 6.85 10.66
C PHE B 147 -9.80 7.00 11.08
N GLU B 148 -8.93 6.11 10.60
CA GLU B 148 -7.51 6.21 10.89
C GLU B 148 -6.92 7.52 10.38
N TYR B 149 -7.27 7.89 9.13
CA TYR B 149 -6.74 9.11 8.55
C TYR B 149 -7.21 10.34 9.32
N ALA B 150 -8.46 10.32 9.79
CA ALA B 150 -8.99 11.45 10.55
C ALA B 150 -8.17 11.70 11.81
N GLY B 151 -7.76 10.64 12.50
CA GLY B 151 -6.88 10.81 13.64
C GLY B 151 -5.54 11.40 13.23
N LYS B 152 -5.05 11.03 12.05
CA LYS B 152 -3.73 11.52 11.64
C LYS B 152 -3.76 13.01 11.32
N TRP B 153 -4.79 13.50 10.62
CA TRP B 153 -4.80 14.92 10.31
C TRP B 153 -5.24 15.76 11.50
N ARG B 154 -6.04 15.19 12.40
CA ARG B 154 -6.36 15.92 13.62
C ARG B 154 -5.15 16.03 14.53
N ASN B 155 -4.28 15.02 14.53
CA ASN B 155 -3.01 15.16 15.23
C ASN B 155 -2.15 16.25 14.59
N ILE B 156 -2.07 16.27 13.25
CA ILE B 156 -1.28 17.29 12.57
C ILE B 156 -1.80 18.69 12.91
N ARG B 157 -3.11 18.83 13.05
CA ARG B 157 -3.68 20.15 13.37
C ARG B 157 -3.17 20.66 14.71
N VAL B 158 -2.98 19.77 15.69
CA VAL B 158 -2.62 20.20 17.03
C VAL B 158 -1.11 20.08 17.32
N GLN B 159 -0.38 19.22 16.60
CA GLN B 159 1.03 19.02 16.91
C GLN B 159 1.93 18.90 15.69
N GLY B 160 1.42 19.07 14.47
CA GLY B 160 2.21 18.89 13.28
C GLY B 160 2.52 17.43 13.03
N PRO B 161 3.36 17.14 12.01
CA PRO B 161 3.97 18.11 11.09
C PRO B 161 3.13 18.39 9.86
N THR B 162 2.96 19.67 9.51
CA THR B 162 2.22 20.01 8.31
C THR B 162 2.94 19.54 7.04
N THR B 163 4.22 19.21 7.13
CA THR B 163 4.95 18.70 5.97
C THR B 163 4.44 17.33 5.52
N PHE B 164 3.68 16.63 6.36
CA PHE B 164 3.05 15.38 5.95
C PHE B 164 1.66 15.60 5.37
N LEU B 165 1.09 16.78 5.53
CA LEU B 165 -0.30 16.99 5.11
C LEU B 165 -0.51 16.82 3.61
N PRO B 166 0.38 17.29 2.71
CA PRO B 166 0.14 16.99 1.29
C PRO B 166 0.08 15.49 1.00
N SER B 167 1.00 14.70 1.57
CA SER B 167 1.00 13.26 1.34
C SER B 167 -0.25 12.62 1.94
N LEU B 168 -0.63 13.01 3.15
CA LEU B 168 -1.81 12.43 3.78
C LEU B 168 -3.06 12.75 2.97
N THR B 169 -3.16 13.98 2.45
CA THR B 169 -4.34 14.36 1.69
C THR B 169 -4.46 13.52 0.42
N VAL B 170 -3.34 13.24 -0.23
CA VAL B 170 -3.34 12.33 -1.37
C VAL B 170 -3.88 10.97 -0.94
N GLN B 171 -3.42 10.46 0.20
CA GLN B 171 -3.88 9.16 0.67
C GLN B 171 -5.39 9.16 0.96
N VAL B 172 -5.89 10.24 1.56
CA VAL B 172 -7.31 10.31 1.87
C VAL B 172 -8.14 10.36 0.58
N ALA B 173 -7.69 11.14 -0.40
CA ALA B 173 -8.42 11.19 -1.67
C ALA B 173 -8.45 9.82 -2.32
N MET B 174 -7.36 9.07 -2.24
N MET B 174 -7.35 9.07 -2.23
CA MET B 174 -7.34 7.73 -2.81
CA MET B 174 -7.33 7.72 -2.80
C MET B 174 -8.29 6.80 -2.07
C MET B 174 -8.28 6.80 -2.07
N ALA B 175 -8.35 6.91 -0.74
CA ALA B 175 -9.26 6.08 0.03
C ALA B 175 -10.71 6.42 -0.30
N GLY B 176 -11.01 7.70 -0.48
CA GLY B 176 -12.35 8.07 -0.92
C GLY B 176 -12.68 7.50 -2.29
N ALA B 177 -11.68 7.43 -3.18
CA ALA B 177 -11.92 6.83 -4.49
C ALA B 177 -12.19 5.34 -4.37
N MET B 178 -11.52 4.67 -3.43
CA MET B 178 -11.80 3.25 -3.20
C MET B 178 -13.23 3.05 -2.71
N LEU B 179 -13.69 3.91 -1.80
CA LEU B 179 -15.05 3.83 -1.29
C LEU B 179 -16.06 3.96 -2.43
N ILE B 180 -15.84 4.93 -3.31
CA ILE B 180 -16.74 5.13 -4.44
C ILE B 180 -16.69 3.95 -5.38
N GLY B 181 -15.49 3.42 -5.63
CA GLY B 181 -15.36 2.27 -6.52
C GLY B 181 -16.05 1.03 -5.98
N LEU B 182 -15.93 0.80 -4.67
CA LEU B 182 -16.63 -0.33 -4.07
C LEU B 182 -18.14 -0.16 -4.18
N HIS B 183 -18.62 1.06 -3.91
CA HIS B 183 -20.06 1.33 -3.94
C HIS B 183 -20.64 1.11 -5.33
N HIS B 184 -19.97 1.62 -6.36
CA HIS B 184 -20.44 1.51 -7.73
C HIS B 184 -19.92 0.27 -8.45
N ARG B 185 -19.16 -0.59 -7.76
CA ARG B 185 -18.58 -1.79 -8.38
C ARG B 185 -17.70 -1.43 -9.57
N ILE B 186 -16.87 -0.41 -9.41
CA ILE B 186 -15.99 0.08 -10.46
C ILE B 186 -14.57 -0.38 -10.16
N CYS B 187 -13.93 -0.99 -11.15
CA CYS B 187 -12.49 -1.20 -11.12
C CYS B 187 -11.85 -0.16 -12.03
N TYR B 188 -11.00 0.68 -11.45
CA TYR B 188 -10.43 1.78 -12.22
C TYR B 188 -9.45 1.24 -13.26
N THR B 189 -9.43 1.88 -14.44
CA THR B 189 -8.62 1.36 -15.54
C THR B 189 -7.13 1.38 -15.20
N THR B 190 -6.62 2.52 -14.74
CA THR B 190 -5.23 2.65 -14.36
C THR B 190 -5.13 3.43 -13.06
N SER B 191 -3.98 3.30 -12.38
CA SER B 191 -3.77 4.10 -11.19
C SER B 191 -3.81 5.59 -11.50
N ALA B 192 -3.41 5.97 -12.72
CA ALA B 192 -3.43 7.38 -13.11
C ALA B 192 -4.85 7.91 -13.29
N SER B 193 -5.82 7.06 -13.56
CA SER B 193 -7.18 7.48 -13.84
C SER B 193 -8.11 7.36 -12.64
N VAL B 194 -7.59 6.96 -11.47
CA VAL B 194 -8.44 6.70 -10.31
C VAL B 194 -9.23 7.93 -9.93
N LEU B 195 -8.55 9.05 -9.68
CA LEU B 195 -9.24 10.23 -9.21
C LEU B 195 -10.09 10.83 -10.32
N THR B 196 -9.60 10.80 -11.55
CA THR B 196 -10.39 11.34 -12.64
C THR B 196 -11.69 10.57 -12.79
N GLU B 197 -11.65 9.25 -12.71
CA GLU B 197 -12.88 8.47 -12.83
C GLU B 197 -13.74 8.55 -11.57
N ALA B 198 -13.12 8.71 -10.40
CA ALA B 198 -13.88 8.76 -9.16
C ALA B 198 -14.78 9.98 -9.09
N VAL B 199 -14.26 11.15 -9.45
CA VAL B 199 -15.08 12.36 -9.35
C VAL B 199 -16.14 12.43 -10.43
N LYS B 200 -16.13 11.56 -11.44
CA LYS B 200 -17.20 11.54 -12.44
C LYS B 200 -18.41 10.73 -11.99
N GLN B 201 -18.29 9.98 -10.90
CA GLN B 201 -19.38 9.12 -10.47
C GLN B 201 -20.49 9.92 -9.79
N SER B 202 -21.69 9.35 -9.83
CA SER B 202 -22.83 9.91 -9.11
C SER B 202 -22.69 9.58 -7.62
N ASP B 203 -23.48 10.28 -6.81
CA ASP B 203 -23.59 9.98 -5.39
C ASP B 203 -22.26 10.21 -4.67
N LEU B 204 -21.60 11.32 -4.97
CA LEU B 204 -20.34 11.52 -4.25
C LEU B 204 -20.63 12.00 -2.84
N PRO B 205 -19.88 11.51 -1.85
CA PRO B 205 -19.97 12.10 -0.50
C PRO B 205 -19.66 13.58 -0.57
N SER B 206 -20.40 14.36 0.23
CA SER B 206 -20.17 15.79 0.28
C SER B 206 -18.72 16.08 0.65
N GLY B 207 -18.13 17.05 -0.04
CA GLY B 207 -16.76 17.45 0.21
C GLY B 207 -15.70 16.65 -0.53
N TYR B 208 -16.06 15.53 -1.14
CA TYR B 208 -15.05 14.71 -1.79
C TYR B 208 -14.49 15.39 -3.03
N ASP B 209 -15.36 15.95 -3.88
CA ASP B 209 -14.88 16.60 -5.09
C ASP B 209 -14.00 17.79 -4.75
N HIS B 210 -14.37 18.55 -3.73
CA HIS B 210 -13.55 19.69 -3.31
C HIS B 210 -12.16 19.25 -2.87
N LEU B 211 -12.09 18.17 -2.09
CA LEU B 211 -10.79 17.65 -1.67
C LEU B 211 -9.97 17.19 -2.86
N CYS B 212 -10.61 16.50 -3.81
CA CYS B 212 -9.87 15.99 -4.96
C CYS B 212 -9.30 17.10 -5.82
N GLN B 213 -9.95 18.27 -5.85
CA GLN B 213 -9.42 19.38 -6.64
C GLN B 213 -8.05 19.79 -6.16
N PHE B 214 -7.82 19.82 -4.84
CA PHE B 214 -6.50 20.11 -4.32
C PHE B 214 -5.48 19.08 -4.80
N VAL B 215 -5.84 17.81 -4.72
CA VAL B 215 -4.91 16.73 -5.04
C VAL B 215 -4.65 16.67 -6.55
N MET B 216 -5.67 16.89 -7.36
CA MET B 216 -5.49 16.79 -8.80
C MET B 216 -4.77 18.01 -9.37
N SER B 217 -4.98 19.19 -8.79
CA SER B 217 -4.28 20.38 -9.24
C SER B 217 -2.89 20.50 -8.62
N GLY B 218 -2.60 19.74 -7.57
CA GLY B 218 -1.34 19.89 -6.89
C GLY B 218 -1.25 21.10 -6.00
N GLN B 219 -2.36 21.79 -5.76
N GLN B 219 -2.36 21.78 -5.75
CA GLN B 219 -2.38 22.92 -4.84
CA GLN B 219 -2.38 22.92 -4.84
C GLN B 219 -2.61 22.39 -3.43
C GLN B 219 -2.61 22.39 -3.43
N LEU B 220 -1.51 21.94 -2.81
CA LEU B 220 -1.55 21.31 -1.49
C LEU B 220 -0.72 22.04 -0.46
N SER B 221 -0.47 23.34 -0.65
CA SER B 221 0.38 24.08 0.26
C SER B 221 -0.37 24.86 1.33
N ASP B 222 -1.69 24.99 1.20
CA ASP B 222 -2.51 25.74 2.16
C ASP B 222 -3.03 24.75 3.20
N SER B 223 -2.26 24.58 4.28
CA SER B 223 -2.57 23.56 5.28
C SER B 223 -3.92 23.80 5.95
N GLU B 224 -4.25 25.07 6.21
CA GLU B 224 -5.54 25.40 6.81
C GLU B 224 -6.69 24.97 5.89
N LYS B 225 -6.56 25.24 4.60
CA LYS B 225 -7.61 24.85 3.66
C LYS B 225 -7.74 23.33 3.57
N LEU B 226 -6.61 22.62 3.57
CA LEU B 226 -6.65 21.16 3.50
C LEU B 226 -7.34 20.56 4.72
N LEU B 227 -6.96 21.02 5.92
CA LEU B 227 -7.56 20.49 7.13
C LEU B 227 -9.05 20.77 7.18
N GLU B 228 -9.47 21.96 6.74
CA GLU B 228 -10.89 22.26 6.67
C GLU B 228 -11.59 21.36 5.65
N SER B 229 -10.95 21.11 4.52
N SER B 229 -10.95 21.11 4.52
CA SER B 229 -11.54 20.27 3.49
CA SER B 229 -11.55 20.27 3.49
C SER B 229 -11.61 18.82 3.94
C SER B 229 -11.60 18.80 3.93
N LEU B 230 -10.61 18.36 4.70
CA LEU B 230 -10.62 17.00 5.20
C LEU B 230 -11.75 16.79 6.20
N GLU B 231 -11.97 17.76 7.09
CA GLU B 231 -13.09 17.66 8.03
C GLU B 231 -14.42 17.66 7.30
N ASN B 232 -14.56 18.50 6.28
CA ASN B 232 -15.80 18.53 5.51
C ASN B 232 -16.05 17.21 4.80
N PHE B 233 -14.99 16.61 4.24
CA PHE B 233 -15.14 15.29 3.63
C PHE B 233 -15.52 14.25 4.66
N TRP B 234 -14.90 14.32 5.85
CA TRP B 234 -15.23 13.37 6.91
C TRP B 234 -16.69 13.47 7.31
N ASN B 235 -17.22 14.69 7.40
CA ASN B 235 -18.65 14.86 7.64
C ASN B 235 -19.48 14.30 6.50
N GLY B 236 -19.06 14.57 5.25
CA GLY B 236 -19.75 14.03 4.10
C GLY B 236 -19.81 12.52 4.11
N ILE B 237 -18.74 11.87 4.57
CA ILE B 237 -18.73 10.41 4.70
C ILE B 237 -19.82 9.95 5.67
N GLN B 238 -19.96 10.63 6.80
CA GLN B 238 -20.95 10.22 7.79
C GLN B 238 -22.36 10.29 7.22
N GLU B 239 -22.70 11.38 6.52
CA GLU B 239 -24.02 11.51 5.92
C GLU B 239 -24.24 10.49 4.82
N TRP B 240 -23.19 10.24 4.02
CA TRP B 240 -23.31 9.38 2.86
C TRP B 240 -23.47 7.92 3.27
N THR B 241 -22.71 7.47 4.28
CA THR B 241 -22.82 6.09 4.71
C THR B 241 -24.16 5.82 5.39
N GLU B 242 -24.63 6.76 6.21
CA GLU B 242 -25.94 6.57 6.81
C GLU B 242 -27.02 6.49 5.75
N ARG B 243 -26.94 7.34 4.73
CA ARG B 243 -27.98 7.36 3.69
C ARG B 243 -28.00 6.05 2.91
N HIS B 244 -26.83 5.47 2.66
CA HIS B 244 -26.74 4.25 1.87
C HIS B 244 -26.73 2.99 2.72
N GLY B 245 -26.90 3.11 4.04
CA GLY B 245 -27.00 1.94 4.89
C GLY B 245 -25.70 1.21 5.16
N TYR B 246 -24.56 1.87 4.97
CA TYR B 246 -23.26 1.33 5.35
C TYR B 246 -23.00 1.71 6.80
N ILE B 247 -23.59 0.94 7.71
CA ILE B 247 -23.60 1.29 9.12
C ILE B 247 -22.45 0.57 9.81
N VAL B 248 -21.51 1.35 10.34
CA VAL B 248 -20.42 0.79 11.12
C VAL B 248 -20.92 0.53 12.53
N ASP B 249 -20.66 -0.67 13.05
CA ASP B 249 -21.09 -1.01 14.41
C ASP B 249 -20.23 -0.27 15.42
N VAL B 250 -20.88 0.56 16.25
CA VAL B 250 -20.18 1.29 17.30
C VAL B 250 -20.65 0.86 18.68
N SER B 251 -21.39 -0.24 18.78
CA SER B 251 -22.05 -0.60 20.03
C SER B 251 -21.17 -1.44 20.95
N LYS B 252 -19.94 -1.74 20.57
CA LYS B 252 -19.09 -2.62 21.35
C LYS B 252 -17.76 -1.95 21.65
N ARG B 253 -17.43 -1.84 22.94
CA ARG B 253 -16.11 -1.35 23.32
C ARG B 253 -15.04 -2.35 22.89
N ILE B 254 -15.36 -3.64 23.04
CA ILE B 254 -14.49 -4.74 22.59
C ILE B 254 -15.39 -5.73 21.87
N PRO B 255 -15.22 -5.97 20.58
CA PRO B 255 -16.18 -6.80 19.84
C PRO B 255 -15.93 -8.30 19.88
N PHE B 256 -15.02 -8.79 20.71
CA PHE B 256 -14.75 -10.22 20.79
C PHE B 256 -14.82 -10.63 22.25
C1 NMY C . -1.42 -2.46 9.33
O1 NMY C . -2.72 -2.83 9.67
C2 NMY C . -0.71 -2.06 10.58
N2 NMY C . -1.01 -3.13 11.64
C3 NMY C . -1.14 -0.76 11.07
O3 NMY C . -0.29 -0.34 12.21
C4 NMY C . -1.06 0.30 10.03
O4 NMY C . -1.57 1.51 10.58
C5 NMY C . -1.89 -0.06 8.77
O5 NMY C . -1.42 -1.43 8.28
C6 NMY C . -1.71 0.92 7.76
C7 NMY C . -5.91 -4.65 7.53
N7 NMY C . -6.88 -4.92 6.48
C12 NMY C . -4.48 -4.90 7.00
C11 NMY C . -3.39 -4.55 8.02
O11 NMY C . -2.12 -4.71 7.36
C10 NMY C . -3.57 -3.11 8.58
C9 NMY C . -5.02 -2.86 9.06
N9 NMY C . -5.21 -1.47 9.49
C8 NMY C . -6.06 -3.20 7.99
C13 NMY C . -1.47 -5.83 7.85
C14 NMY C . -0.37 -6.12 7.13
C15 NMY C . 0.49 -6.96 8.12
C16 NMY C . 0.15 -6.31 9.52
O16 NMY C . -0.90 -5.54 9.36
C17 NMY C . 1.31 -5.48 10.06
C21 NMY C . 1.38 -11.44 10.44
C20 NMY C . 1.31 -11.66 8.96
C19 NMY C . 0.63 -10.58 8.20
C18 NMY C . 1.04 -9.19 8.60
O18 NMY C . 0.10 -8.26 8.05
C22 NMY C . 1.99 -10.06 10.79
O22 NMY C . 1.08 -9.03 10.05
C23 NMY C . 1.95 -9.79 12.17
N6 NMY C . -2.90 1.76 7.69
O14 NMY C . -0.72 -6.93 5.95
O20 NMY C . 2.66 -11.81 8.43
O21 NMY C . 0.07 -11.49 10.99
O17 NMY C . 1.06 -5.24 11.43
O12 NMY C . -4.36 -6.26 6.63
N19 NMY C . 0.60 -9.36 12.58
N23 NMY C . -0.88 -10.71 8.37
P AMP D . -1.15 3.01 10.59
O1P AMP D . -1.07 3.89 9.36
O2P AMP D . -1.86 3.85 11.78
O5' AMP D . 0.34 2.78 11.15
C5' AMP D . 0.71 3.23 12.44
C4' AMP D . 2.23 3.26 12.51
O4' AMP D . 2.76 2.05 11.98
C3' AMP D . 2.78 4.40 11.67
O3' AMP D . 3.13 5.50 12.52
C2' AMP D . 3.99 3.80 10.97
O2' AMP D . 5.15 4.02 11.77
C1' AMP D . 3.70 2.32 10.94
N9 AMP D . 3.06 1.94 9.64
C8 AMP D . 2.66 2.80 8.68
N7 AMP D . 2.12 2.13 7.63
C5 AMP D . 2.17 0.82 7.92
C6 AMP D . 1.78 -0.44 7.24
N6 AMP D . 1.19 -0.41 6.02
N1 AMP D . 2.01 -1.60 7.87
C2 AMP D . 2.58 -1.64 9.09
N3 AMP D . 2.98 -0.54 9.77
C4 AMP D . 2.80 0.70 9.24
MG MG E . 3.24 -2.13 -13.61
MG MG F . -3.17 3.09 13.50
MG MG G . 3.54 -3.29 -10.53
C1 NMY H . 1.16 -5.53 -7.82
O1 NMY H . 2.35 -6.28 -8.01
C2 NMY H . 0.40 -5.49 -9.10
N2 NMY H . 0.43 -6.89 -9.74
C3 NMY H . 0.94 -4.53 -10.06
O3 NMY H . 0.02 -4.48 -11.22
C4 NMY H . 1.07 -3.18 -9.49
O4 NMY H . 1.62 -2.31 -10.48
C5 NMY H . 1.98 -3.15 -8.23
O5 NMY H . 1.46 -4.20 -7.24
C6 NMY H . 1.94 -1.87 -7.62
C7 NMY H . 5.48 -7.35 -5.32
N7 NMY H . 6.40 -7.11 -4.22
C12 NMY H . 4.04 -7.27 -4.76
C11 NMY H . 2.98 -7.26 -5.85
O11 NMY H . 1.70 -7.05 -5.23
C10 NMY H . 3.25 -6.20 -6.92
C9 NMY H . 4.67 -6.38 -7.50
N9 NMY H . 4.95 -5.35 -8.51
C8 NMY H . 5.72 -6.31 -6.42
C13 NMY H . 0.97 -8.21 -5.29
C14 NMY H . -0.07 -8.18 -4.44
C15 NMY H . -1.02 -9.24 -5.03
C16 NMY H . -0.83 -9.04 -6.61
O16 NMY H . 0.29 -8.38 -6.78
C17 NMY H . -2.03 -8.29 -7.17
C21 NMY H . -2.13 -14.16 -5.75
C20 NMY H . -1.96 -13.90 -4.29
C19 NMY H . -1.18 -12.67 -3.99
C18 NMY H . -1.62 -11.47 -4.75
O18 NMY H . -0.60 -10.46 -4.63
C22 NMY H . -2.75 -12.95 -6.48
O22 NMY H . -1.80 -11.77 -6.18
C23 NMY H . -2.80 -13.14 -7.88
N6 NMY H . 3.22 -1.22 -7.79
O14 NMY H . 0.36 -8.57 -3.09
O20 NMY H . -3.29 -13.79 -3.68
O21 NMY H . -0.84 -14.41 -6.30
O17 NMY H . -1.86 -8.08 -8.56
O12 NMY H . 3.85 -8.38 -3.91
N19 NMY H . -1.44 -13.03 -8.45
N23 NMY H . 0.28 -12.92 -4.32
P AMP I . 1.15 -0.95 -11.06
O1P AMP I . 1.95 -0.66 -12.44
O2P AMP I . 0.86 0.38 -10.40
O5' AMP I . -0.22 -1.55 -11.62
C5' AMP I . -0.54 -1.38 -13.01
C4' AMP I . -2.05 -1.22 -13.10
O4' AMP I . -2.69 -2.34 -12.49
C3' AMP I . -2.49 0.01 -12.34
O3' AMP I . -2.71 1.10 -13.24
C2' AMP I . -3.76 -0.40 -11.64
O2' AMP I . -4.91 -0.04 -12.40
C1' AMP I . -3.67 -1.91 -11.55
N9 AMP I . -3.24 -2.40 -10.22
C8 AMP I . -3.42 -3.68 -9.84
N7 AMP I . -2.95 -3.89 -8.58
C5 AMP I . -2.46 -2.72 -8.14
C6 AMP I . -1.81 -2.27 -6.89
N6 AMP I . -1.60 -3.13 -5.86
N1 AMP I . -1.43 -0.97 -6.80
C2 AMP I . -1.64 -0.12 -7.82
N3 AMP I . -2.21 -0.46 -8.99
C4 AMP I . -2.65 -1.74 -9.22
#